data_8CCK
#
_entry.id   8CCK
#
_cell.length_a   68.020
_cell.length_b   68.020
_cell.length_c   155.220
_cell.angle_alpha   90.000
_cell.angle_beta   90.000
_cell.angle_gamma   120.000
#
_symmetry.space_group_name_H-M   'P 31 2 1'
#
loop_
_entity.id
_entity.type
_entity.pdbx_description
1 polymer 'Thioredoxin reductase'
2 non-polymer 'FLAVIN-ADENINE DINUCLEOTIDE'
3 non-polymer GLYCEROL
4 non-polymer ~{N}-(4-hydroxyphenyl)-2-pyrazol-1-yl-ethanamide
5 non-polymer 'MAGNESIUM ION'
6 water water
#
_entity_poly.entity_id   1
_entity_poly.type   'polypeptide(L)'
_entity_poly.pdbx_seq_one_letter_code
;MAHHHHHHMSTSQTVHDVIIIGSGPAGYTAAIYAARAQLKPLVFEGTQFGGALMTTTEVENYPGFREGITGPELMDQMRE
QALRFGADLRMEDVDAVQLEGPVKTVVVGDETHQARAVILAMGAAARHLGVPGEEALTGMGVSTCATCDGFFFRDQDIVV
VGGGDSAMEEATFLTRFARSVTLIHRRDEFRASKIMLERARANEKITFLTNTEITQIEGDPKVTGVRLRDTVTGEESKLD
VTGVFVAIGHDPRSELVRGQVELDDEGYVKVQGRTTYTSLDGVFAAGDLVDHTYRQAITAAGSGCAASIDAERWLAEQD
;
_entity_poly.pdbx_strand_id   A
#
loop_
_chem_comp.id
_chem_comp.type
_chem_comp.name
_chem_comp.formula
FAD non-polymer 'FLAVIN-ADENINE DINUCLEOTIDE' 'C27 H33 N9 O15 P2'
GOL non-polymer GLYCEROL 'C3 H8 O3'
MG non-polymer 'MAGNESIUM ION' 'Mg 2'
U8X non-polymer ~{N}-(4-hydroxyphenyl)-2-pyrazol-1-yl-ethanamide 'C11 H11 N3 O2'
#
# COMPACT_ATOMS: atom_id res chain seq x y z
N THR A 14 -8.73 27.26 16.83
CA THR A 14 -7.54 26.44 17.07
C THR A 14 -6.84 26.06 15.77
N VAL A 15 -5.60 26.52 15.60
CA VAL A 15 -4.78 26.12 14.47
C VAL A 15 -3.66 25.27 15.03
N HIS A 16 -3.67 23.99 14.66
CA HIS A 16 -2.63 23.08 15.12
CA HIS A 16 -2.63 23.07 15.12
C HIS A 16 -1.32 23.31 14.37
N ASP A 17 -0.23 22.84 14.96
CA ASP A 17 1.05 22.93 14.26
C ASP A 17 1.03 22.01 13.04
N VAL A 18 0.56 20.78 13.23
CA VAL A 18 0.57 19.81 12.12
C VAL A 18 -0.63 18.88 12.24
N ILE A 19 -1.18 18.52 11.08
CA ILE A 19 -2.18 17.48 10.97
C ILE A 19 -1.61 16.39 10.10
N ILE A 20 -1.80 15.14 10.51
CA ILE A 20 -1.36 13.99 9.71
C ILE A 20 -2.59 13.28 9.18
N ILE A 21 -2.60 12.95 7.89
CA ILE A 21 -3.73 12.22 7.28
C ILE A 21 -3.24 10.81 6.95
N GLY A 22 -3.60 9.84 7.79
CA GLY A 22 -3.33 8.45 7.42
C GLY A 22 -2.70 7.73 8.61
N SER A 23 -2.89 6.41 8.66
CA SER A 23 -2.49 5.69 9.87
C SER A 23 -1.76 4.41 9.55
N GLY A 24 -1.07 4.34 8.43
CA GLY A 24 -0.13 3.26 8.25
C GLY A 24 1.22 3.57 8.89
N PRO A 25 2.25 2.80 8.54
CA PRO A 25 3.59 3.07 9.10
C PRO A 25 4.06 4.50 8.84
N ALA A 26 3.78 5.05 7.66
CA ALA A 26 4.19 6.44 7.45
C ALA A 26 3.51 7.39 8.45
N GLY A 27 2.18 7.36 8.53
CA GLY A 27 1.47 8.29 9.38
C GLY A 27 1.82 8.11 10.85
N TYR A 28 1.95 6.86 11.31
CA TYR A 28 2.22 6.70 12.73
C TYR A 28 3.65 7.11 13.08
N THR A 29 4.63 6.79 12.21
CA THR A 29 6.00 7.21 12.48
C THR A 29 6.09 8.73 12.46
N ALA A 30 5.36 9.37 11.55
CA ALA A 30 5.31 10.83 11.57
C ALA A 30 4.71 11.34 12.86
N ALA A 31 3.63 10.68 13.33
CA ALA A 31 2.99 11.07 14.58
C ALA A 31 3.94 10.94 15.75
N ILE A 32 4.68 9.82 15.82
CA ILE A 32 5.63 9.61 16.91
C ILE A 32 6.67 10.73 16.95
N TYR A 33 7.27 11.05 15.81
CA TYR A 33 8.29 12.10 15.78
C TYR A 33 7.68 13.47 16.10
N ALA A 34 6.53 13.78 15.47
CA ALA A 34 5.91 15.08 15.72
C ALA A 34 5.50 15.21 17.18
N ALA A 35 4.95 14.15 17.77
CA ALA A 35 4.55 14.25 19.18
C ALA A 35 5.76 14.38 20.08
N ARG A 36 6.80 13.57 19.84
CA ARG A 36 8.00 13.67 20.67
C ARG A 36 8.65 15.04 20.53
N ALA A 37 8.48 15.69 19.38
CA ALA A 37 8.96 17.07 19.21
C ALA A 37 8.03 18.14 19.79
N GLN A 38 7.01 17.74 20.55
CA GLN A 38 6.08 18.66 21.23
C GLN A 38 5.21 19.44 20.26
N LEU A 39 4.98 18.90 19.07
CA LEU A 39 4.11 19.56 18.11
C LEU A 39 2.64 19.19 18.27
N LYS A 40 2.32 18.27 19.18
CA LYS A 40 0.94 17.89 19.46
C LYS A 40 0.20 17.55 18.16
N PRO A 41 0.67 16.56 17.40
CA PRO A 41 0.07 16.31 16.09
C PRO A 41 -1.36 15.79 16.22
N LEU A 42 -2.22 16.25 15.32
CA LEU A 42 -3.58 15.75 15.21
C LEU A 42 -3.63 14.82 14.00
N VAL A 43 -4.01 13.57 14.22
CA VAL A 43 -3.85 12.49 13.23
C VAL A 43 -5.22 11.93 12.93
N PHE A 44 -5.62 11.97 11.66
CA PHE A 44 -6.87 11.33 11.21
C PHE A 44 -6.49 9.98 10.62
N GLU A 45 -6.88 8.92 11.34
CA GLU A 45 -6.46 7.55 11.04
C GLU A 45 -7.31 6.89 9.97
N GLY A 46 -8.54 7.36 9.77
CA GLY A 46 -9.51 6.66 8.95
C GLY A 46 -10.28 5.65 9.77
N THR A 47 -11.46 5.26 9.26
CA THR A 47 -12.19 4.18 9.91
C THR A 47 -11.56 2.83 9.63
N GLN A 48 -10.88 2.68 8.49
CA GLN A 48 -10.08 1.48 8.20
C GLN A 48 -8.62 1.73 8.58
N PHE A 49 -8.39 1.96 9.86
CA PHE A 49 -7.12 2.48 10.32
C PHE A 49 -6.04 1.40 10.31
N GLY A 50 -4.78 1.83 10.42
CA GLY A 50 -3.65 0.95 10.64
C GLY A 50 -2.91 0.52 9.39
N GLY A 51 -3.37 0.99 8.22
CA GLY A 51 -2.69 0.79 6.97
C GLY A 51 -2.77 -0.65 6.50
N ALA A 52 -1.94 -0.95 5.50
CA ALA A 52 -2.07 -2.22 4.78
C ALA A 52 -1.73 -3.41 5.65
N LEU A 53 -0.86 -3.24 6.65
CA LEU A 53 -0.48 -4.38 7.49
C LEU A 53 -1.62 -4.86 8.37
N MET A 54 -2.60 -4.00 8.63
CA MET A 54 -3.73 -4.47 9.41
C MET A 54 -4.46 -5.60 8.68
N THR A 55 -4.24 -5.75 7.37
CA THR A 55 -4.92 -6.76 6.57
C THR A 55 -4.04 -7.97 6.23
N THR A 56 -2.84 -8.10 6.82
CA THR A 56 -1.99 -9.27 6.61
C THR A 56 -1.84 -10.09 7.88
N THR A 57 -1.17 -11.23 7.72
CA THR A 57 -0.79 -12.05 8.87
C THR A 57 0.62 -11.66 9.28
N GLU A 58 1.57 -12.57 9.17
CA GLU A 58 2.88 -12.34 9.76
C GLU A 58 3.72 -11.37 8.93
N VAL A 59 4.31 -10.40 9.63
CA VAL A 59 5.30 -9.48 9.10
C VAL A 59 6.66 -9.98 9.57
N GLU A 60 7.49 -10.45 8.64
CA GLU A 60 8.77 -11.05 8.98
C GLU A 60 9.97 -10.20 8.59
N ASN A 61 9.80 -9.24 7.68
CA ASN A 61 10.93 -8.49 7.14
C ASN A 61 10.99 -7.08 7.71
N TYR A 62 10.21 -6.81 8.76
CA TYR A 62 10.29 -5.51 9.42
C TYR A 62 11.39 -5.60 10.47
N PRO A 63 12.50 -4.86 10.35
CA PRO A 63 13.65 -5.13 11.21
C PRO A 63 13.38 -4.75 12.65
N GLY A 64 13.77 -5.63 13.58
CA GLY A 64 13.56 -5.39 15.00
C GLY A 64 12.84 -6.53 15.71
N PHE A 65 12.43 -7.55 14.96
CA PHE A 65 11.60 -8.64 15.49
C PHE A 65 12.16 -9.98 14.98
N ARG A 66 13.02 -10.58 15.79
CA ARG A 66 13.77 -11.74 15.31
C ARG A 66 12.85 -12.91 15.00
N GLU A 67 11.69 -12.99 15.64
CA GLU A 67 10.77 -14.08 15.43
C GLU A 67 9.52 -13.63 14.68
N GLY A 68 9.54 -12.41 14.14
CA GLY A 68 8.40 -11.87 13.41
C GLY A 68 7.33 -11.35 14.35
N ILE A 69 6.29 -10.78 13.74
CA ILE A 69 5.18 -10.14 14.44
C ILE A 69 4.01 -10.06 13.47
N THR A 70 2.77 -10.24 13.96
CA THR A 70 1.63 -10.12 13.06
C THR A 70 1.46 -8.65 12.68
N GLY A 71 0.84 -8.43 11.52
CA GLY A 71 0.58 -7.08 11.08
C GLY A 71 -0.18 -6.22 12.08
N PRO A 72 -1.32 -6.72 12.57
CA PRO A 72 -2.05 -5.94 13.60
C PRO A 72 -1.27 -5.75 14.89
N GLU A 73 -0.49 -6.75 15.33
CA GLU A 73 0.37 -6.52 16.50
C GLU A 73 1.33 -5.37 16.27
N LEU A 74 2.02 -5.35 15.14
CA LEU A 74 2.98 -4.29 14.86
C LEU A 74 2.28 -2.94 14.82
N MET A 75 1.11 -2.90 14.21
CA MET A 75 0.47 -1.63 13.96
C MET A 75 -0.05 -1.07 15.27
N ASP A 76 -0.45 -1.94 16.19
CA ASP A 76 -0.94 -1.44 17.47
C ASP A 76 0.19 -0.94 18.37
N GLN A 77 1.38 -1.56 18.29
CA GLN A 77 2.58 -1.02 18.91
C GLN A 77 2.81 0.41 18.43
N MET A 78 2.84 0.58 17.11
CA MET A 78 2.97 1.90 16.49
C MET A 78 1.94 2.88 17.04
N ARG A 79 0.67 2.48 17.02
CA ARG A 79 -0.41 3.34 17.49
C ARG A 79 -0.24 3.72 18.97
N GLU A 80 0.01 2.74 19.85
CA GLU A 80 0.21 3.05 21.27
C GLU A 80 1.45 3.92 21.51
N GLN A 81 2.50 3.69 20.72
CA GLN A 81 3.71 4.52 20.80
C GLN A 81 3.37 5.98 20.51
N ALA A 82 2.63 6.23 19.44
CA ALA A 82 2.22 7.58 19.10
C ALA A 82 1.38 8.21 20.22
N LEU A 83 0.43 7.44 20.75
CA LEU A 83 -0.37 7.92 21.88
C LEU A 83 0.50 8.27 23.08
N ARG A 84 1.52 7.44 23.36
CA ARG A 84 2.29 7.65 24.59
C ARG A 84 3.03 8.99 24.56
N PHE A 85 3.41 9.47 23.38
CA PHE A 85 4.11 10.75 23.29
C PHE A 85 3.18 11.92 23.07
N GLY A 86 1.88 11.69 23.04
CA GLY A 86 0.92 12.76 23.02
C GLY A 86 0.22 13.01 21.71
N ALA A 87 0.33 12.12 20.74
CA ALA A 87 -0.46 12.29 19.51
C ALA A 87 -1.95 12.22 19.82
N ASP A 88 -2.72 13.08 19.19
CA ASP A 88 -4.18 13.10 19.29
C ASP A 88 -4.73 12.30 18.11
N LEU A 89 -5.12 11.05 18.34
CA LEU A 89 -5.53 10.18 17.23
C LEU A 89 -7.05 10.18 17.10
N ARG A 90 -7.54 10.33 15.88
CA ARG A 90 -8.97 10.35 15.56
C ARG A 90 -9.25 9.27 14.53
N MET A 91 -10.08 8.28 14.90
CA MET A 91 -10.45 7.19 13.99
C MET A 91 -11.56 7.64 13.02
N GLU A 92 -11.20 8.53 12.10
CA GLU A 92 -12.16 9.17 11.21
C GLU A 92 -11.50 9.47 9.86
N ASP A 93 -12.32 9.50 8.80
CA ASP A 93 -11.85 9.80 7.45
C ASP A 93 -11.83 11.31 7.21
N VAL A 94 -10.77 11.77 6.59
CA VAL A 94 -10.78 13.12 6.03
C VAL A 94 -11.50 13.06 4.69
N ASP A 95 -12.53 13.89 4.53
CA ASP A 95 -13.37 13.89 3.34
C ASP A 95 -12.99 14.97 2.33
N ALA A 96 -12.29 16.02 2.74
CA ALA A 96 -11.89 17.10 1.84
C ALA A 96 -10.82 17.93 2.54
N VAL A 97 -9.97 18.59 1.76
CA VAL A 97 -8.89 19.41 2.32
C VAL A 97 -8.77 20.69 1.53
N GLN A 98 -8.28 21.73 2.19
CA GLN A 98 -7.89 22.98 1.55
C GLN A 98 -6.45 23.18 2.01
N LEU A 99 -5.50 22.96 1.11
CA LEU A 99 -4.10 22.85 1.51
C LEU A 99 -3.27 24.07 1.17
N GLU A 100 -3.83 25.08 0.51
CA GLU A 100 -3.06 26.23 0.08
C GLU A 100 -3.13 27.33 1.12
N GLY A 101 -1.98 27.94 1.42
CA GLY A 101 -1.98 29.12 2.25
C GLY A 101 -1.49 28.81 3.66
N PRO A 102 -1.41 29.86 4.48
CA PRO A 102 -0.81 29.71 5.82
C PRO A 102 -1.62 28.84 6.74
N VAL A 103 -2.93 28.75 6.55
CA VAL A 103 -3.78 27.91 7.40
C VAL A 103 -4.48 26.91 6.50
N LYS A 104 -4.20 25.62 6.72
CA LYS A 104 -4.80 24.54 5.97
C LYS A 104 -6.00 24.00 6.72
N THR A 105 -7.00 23.53 5.99
CA THR A 105 -8.22 22.99 6.58
C THR A 105 -8.46 21.56 6.11
N VAL A 106 -8.87 20.68 7.04
CA VAL A 106 -9.40 19.37 6.68
C VAL A 106 -10.84 19.30 7.15
N VAL A 107 -11.68 18.64 6.36
CA VAL A 107 -13.10 18.47 6.68
C VAL A 107 -13.34 17.00 6.94
N VAL A 108 -13.91 16.69 8.09
CA VAL A 108 -14.18 15.33 8.53
C VAL A 108 -15.67 15.26 8.82
N GLY A 109 -16.45 14.75 7.86
CA GLY A 109 -17.89 14.80 8.03
C GLY A 109 -18.34 16.25 8.10
N ASP A 110 -18.95 16.64 9.22
CA ASP A 110 -19.39 18.03 9.38
C ASP A 110 -18.45 18.85 10.26
N GLU A 111 -17.25 18.36 10.54
CA GLU A 111 -16.31 19.00 11.44
C GLU A 111 -15.11 19.49 10.64
N THR A 112 -14.53 20.61 11.06
CA THR A 112 -13.35 21.17 10.43
C THR A 112 -12.20 21.25 11.43
N HIS A 113 -10.98 21.09 10.91
CA HIS A 113 -9.76 21.18 11.70
CA HIS A 113 -9.77 21.20 11.70
C HIS A 113 -8.71 21.88 10.85
N GLN A 114 -7.91 22.73 11.49
CA GLN A 114 -6.92 23.54 10.78
C GLN A 114 -5.52 23.37 11.37
N ALA A 115 -4.52 23.62 10.52
CA ALA A 115 -3.12 23.42 10.90
C ALA A 115 -2.23 24.28 10.01
N ARG A 116 -1.03 24.56 10.54
CA ARG A 116 -0.02 25.27 9.76
C ARG A 116 0.69 24.36 8.78
N ALA A 117 0.79 23.07 9.09
CA ALA A 117 1.50 22.10 8.26
C ALA A 117 0.64 20.86 8.12
N VAL A 118 0.70 20.20 6.96
CA VAL A 118 -0.05 18.97 6.76
C VAL A 118 0.89 17.91 6.21
N ILE A 119 0.83 16.71 6.78
CA ILE A 119 1.60 15.57 6.29
C ILE A 119 0.62 14.58 5.68
N LEU A 120 0.78 14.33 4.38
CA LEU A 120 -0.06 13.42 3.61
C LEU A 120 0.52 12.02 3.74
N ALA A 121 -0.22 11.11 4.33
CA ALA A 121 0.29 9.75 4.50
C ALA A 121 -0.82 8.75 4.12
N MET A 122 -1.53 8.99 3.00
CA MET A 122 -2.77 8.26 2.81
C MET A 122 -2.54 6.89 2.19
N GLY A 123 -1.31 6.62 1.73
CA GLY A 123 -0.99 5.29 1.23
C GLY A 123 -1.42 5.09 -0.21
N ALA A 124 -1.42 3.81 -0.59
CA ALA A 124 -1.87 3.35 -1.90
C ALA A 124 -2.71 2.10 -1.70
N ALA A 125 -3.78 1.99 -2.46
CA ALA A 125 -4.60 0.79 -2.43
C ALA A 125 -4.04 -0.20 -3.44
N ALA A 126 -3.84 -1.44 -3.03
CA ALA A 126 -3.59 -2.49 -4.01
C ALA A 126 -4.91 -2.85 -4.67
N ARG A 127 -4.93 -2.82 -6.01
CA ARG A 127 -6.13 -3.15 -6.75
C ARG A 127 -6.57 -4.58 -6.41
N HIS A 128 -7.85 -4.75 -6.13
CA HIS A 128 -8.41 -6.06 -5.80
CA HIS A 128 -8.37 -6.07 -5.81
C HIS A 128 -9.00 -6.70 -7.06
N LEU A 129 -8.96 -8.04 -7.09
CA LEU A 129 -9.66 -8.73 -8.17
C LEU A 129 -11.16 -8.50 -8.06
N GLY A 130 -11.68 -8.40 -6.84
CA GLY A 130 -13.10 -8.25 -6.62
C GLY A 130 -13.92 -9.51 -6.82
N VAL A 131 -13.35 -10.68 -6.53
CA VAL A 131 -14.04 -11.96 -6.70
C VAL A 131 -14.32 -12.61 -5.36
N PRO A 132 -15.33 -13.49 -5.28
CA PRO A 132 -15.57 -14.24 -4.04
C PRO A 132 -14.34 -15.03 -3.61
N GLY A 133 -14.08 -15.00 -2.31
CA GLY A 133 -12.97 -15.71 -1.71
C GLY A 133 -11.71 -14.89 -1.56
N GLU A 134 -11.61 -13.75 -2.24
CA GLU A 134 -10.36 -12.99 -2.27
C GLU A 134 -10.06 -12.37 -0.91
N GLU A 135 -11.08 -11.82 -0.26
CA GLU A 135 -10.87 -11.16 1.02
C GLU A 135 -10.71 -12.19 2.14
N ALA A 136 -11.56 -13.22 2.15
CA ALA A 136 -11.53 -14.20 3.24
C ALA A 136 -10.21 -14.98 3.25
N LEU A 137 -9.62 -15.25 2.08
CA LEU A 137 -8.39 -16.02 2.02
C LEU A 137 -7.14 -15.15 1.99
N THR A 138 -7.30 -13.84 2.14
CA THR A 138 -6.15 -12.96 2.29
C THR A 138 -5.32 -13.38 3.50
N GLY A 139 -3.99 -13.40 3.34
CA GLY A 139 -3.12 -13.93 4.37
C GLY A 139 -3.24 -15.41 4.61
N MET A 140 -4.09 -16.10 3.84
CA MET A 140 -4.34 -17.53 3.94
C MET A 140 -4.15 -18.18 2.58
N GLY A 141 -3.27 -17.60 1.76
CA GLY A 141 -3.06 -18.10 0.40
C GLY A 141 -3.16 -17.02 -0.66
N VAL A 142 -3.88 -15.93 -0.35
CA VAL A 142 -4.01 -14.79 -1.24
C VAL A 142 -3.05 -13.70 -0.76
N SER A 143 -2.22 -13.19 -1.67
CA SER A 143 -1.24 -12.19 -1.30
C SER A 143 -1.15 -11.12 -2.39
N THR A 144 -0.60 -9.97 -2.00
CA THR A 144 -0.37 -8.86 -2.91
C THR A 144 1.10 -8.55 -3.06
N CYS A 145 1.99 -9.36 -2.50
CA CYS A 145 3.37 -8.95 -2.33
C CYS A 145 4.27 -10.18 -2.25
N ALA A 146 4.95 -10.48 -3.36
CA ALA A 146 5.86 -11.60 -3.42
C ALA A 146 7.06 -11.40 -2.49
N THR A 147 7.58 -10.18 -2.42
CA THR A 147 8.66 -9.90 -1.48
C THR A 147 8.22 -10.20 -0.06
N CYS A 148 6.96 -9.87 0.27
CA CYS A 148 6.48 -10.05 1.64
C CYS A 148 6.23 -11.53 1.95
N ASP A 149 5.40 -12.20 1.13
CA ASP A 149 4.90 -13.54 1.47
C ASP A 149 5.40 -14.65 0.54
N GLY A 150 6.15 -14.34 -0.51
CA GLY A 150 6.60 -15.38 -1.42
C GLY A 150 7.33 -16.51 -0.72
N PHE A 151 8.05 -16.19 0.35
CA PHE A 151 8.76 -17.13 1.22
C PHE A 151 7.93 -18.37 1.56
N PHE A 152 6.64 -18.17 1.82
CA PHE A 152 5.78 -19.19 2.41
C PHE A 152 5.17 -20.16 1.40
N PHE A 153 5.52 -20.07 0.12
CA PHE A 153 4.91 -20.90 -0.91
C PHE A 153 5.93 -21.83 -1.56
N ARG A 154 6.93 -22.25 -0.79
CA ARG A 154 7.97 -23.11 -1.33
C ARG A 154 7.41 -24.46 -1.77
N ASP A 155 7.77 -24.87 -2.99
CA ASP A 155 7.36 -26.14 -3.61
C ASP A 155 5.84 -26.25 -3.82
N GLN A 156 5.16 -25.12 -3.96
CA GLN A 156 3.73 -25.13 -4.24
C GLN A 156 3.46 -24.64 -5.65
N ASP A 157 2.27 -24.94 -6.16
CA ASP A 157 1.78 -24.41 -7.43
C ASP A 157 0.92 -23.20 -7.14
N ILE A 158 1.27 -22.05 -7.73
CA ILE A 158 0.63 -20.77 -7.44
C ILE A 158 0.31 -20.04 -8.75
N VAL A 159 -0.53 -19.01 -8.63
CA VAL A 159 -0.84 -18.13 -9.76
C VAL A 159 -0.40 -16.72 -9.41
N VAL A 160 -0.08 -15.96 -10.46
CA VAL A 160 0.11 -14.51 -10.39
C VAL A 160 -0.87 -13.91 -11.40
N VAL A 161 -1.60 -12.87 -11.00
CA VAL A 161 -2.59 -12.23 -11.86
C VAL A 161 -2.08 -10.85 -12.22
N GLY A 162 -2.05 -10.56 -13.51
CA GLY A 162 -1.71 -9.22 -13.98
C GLY A 162 -0.92 -9.27 -15.26
N GLY A 163 -0.85 -8.12 -15.93
CA GLY A 163 -0.23 -8.05 -17.24
C GLY A 163 0.88 -7.04 -17.40
N GLY A 164 1.31 -6.40 -16.30
CA GLY A 164 2.32 -5.36 -16.35
C GLY A 164 3.68 -5.84 -15.84
N ASP A 165 4.58 -4.86 -15.69
CA ASP A 165 5.91 -5.14 -15.15
C ASP A 165 5.82 -5.71 -13.74
N SER A 166 4.90 -5.18 -12.94
CA SER A 166 4.64 -5.70 -11.60
C SER A 166 4.42 -7.20 -11.61
N ALA A 167 3.39 -7.65 -12.34
CA ALA A 167 3.10 -9.08 -12.43
C ALA A 167 4.32 -9.85 -12.95
N MET A 168 4.97 -9.34 -13.99
CA MET A 168 6.18 -9.98 -14.50
C MET A 168 7.23 -10.14 -13.41
N GLU A 169 7.50 -9.06 -12.67
CA GLU A 169 8.55 -9.14 -11.66
C GLU A 169 8.12 -10.07 -10.53
N GLU A 170 6.85 -10.00 -10.12
CA GLU A 170 6.38 -10.88 -9.06
C GLU A 170 6.49 -12.35 -9.46
N ALA A 171 6.04 -12.67 -10.68
CA ALA A 171 6.07 -14.04 -11.18
C ALA A 171 7.50 -14.58 -11.26
N THR A 172 8.42 -13.82 -11.85
CA THR A 172 9.79 -14.31 -11.98
C THR A 172 10.46 -14.44 -10.61
N PHE A 173 10.28 -13.45 -9.72
CA PHE A 173 10.83 -13.54 -8.37
C PHE A 173 10.36 -14.81 -7.68
N LEU A 174 9.06 -15.11 -7.79
CA LEU A 174 8.44 -16.21 -7.04
C LEU A 174 8.97 -17.58 -7.47
N THR A 175 9.53 -17.71 -8.68
CA THR A 175 9.97 -19.04 -9.09
C THR A 175 11.15 -19.55 -8.26
N ARG A 176 11.79 -18.71 -7.45
CA ARG A 176 12.83 -19.22 -6.57
C ARG A 176 12.25 -19.92 -5.33
N PHE A 177 10.94 -19.82 -5.11
CA PHE A 177 10.25 -20.59 -4.09
C PHE A 177 9.32 -21.63 -4.71
N ALA A 178 8.41 -21.17 -5.55
CA ALA A 178 7.29 -22.01 -6.00
C ALA A 178 7.77 -23.19 -6.84
N ARG A 179 7.00 -24.30 -6.76
CA ARG A 179 7.11 -25.37 -7.73
C ARG A 179 6.83 -24.88 -9.14
N SER A 180 5.71 -24.17 -9.31
CA SER A 180 5.31 -23.64 -10.61
C SER A 180 4.56 -22.34 -10.39
N VAL A 181 4.55 -21.50 -11.43
CA VAL A 181 3.85 -20.21 -11.38
C VAL A 181 3.04 -20.09 -12.67
N THR A 182 1.72 -19.96 -12.52
CA THR A 182 0.82 -19.74 -13.65
C THR A 182 0.45 -18.26 -13.67
N LEU A 183 0.86 -17.55 -14.71
CA LEU A 183 0.68 -16.11 -14.80
C LEU A 183 -0.56 -15.83 -15.66
N ILE A 184 -1.61 -15.29 -15.03
CA ILE A 184 -2.94 -15.18 -15.63
C ILE A 184 -3.21 -13.72 -16.03
N HIS A 185 -3.66 -13.51 -17.25
CA HIS A 185 -3.98 -12.17 -17.74
CA HIS A 185 -3.98 -12.17 -17.74
C HIS A 185 -5.23 -12.20 -18.61
N ARG A 186 -6.08 -11.18 -18.47
CA ARG A 186 -7.39 -11.14 -19.12
C ARG A 186 -7.35 -10.80 -20.60
N ARG A 187 -6.22 -10.38 -21.15
CA ARG A 187 -6.10 -10.10 -22.57
C ARG A 187 -5.00 -10.98 -23.15
N ASP A 188 -4.79 -10.88 -24.47
CA ASP A 188 -3.68 -11.57 -25.09
C ASP A 188 -2.49 -10.66 -25.33
N GLU A 189 -2.60 -9.39 -24.91
CA GLU A 189 -1.54 -8.42 -25.03
C GLU A 189 -1.11 -8.01 -23.63
N PHE A 190 0.18 -7.74 -23.47
CA PHE A 190 0.78 -7.42 -22.17
C PHE A 190 1.28 -5.99 -22.18
N ARG A 191 0.87 -5.22 -21.17
CA ARG A 191 1.40 -3.87 -21.02
C ARG A 191 2.79 -3.87 -20.40
N ALA A 192 3.32 -5.04 -20.01
CA ALA A 192 4.67 -5.13 -19.48
C ALA A 192 5.68 -4.72 -20.56
N SER A 193 6.76 -4.11 -20.11
CA SER A 193 7.88 -3.81 -20.99
C SER A 193 8.40 -5.09 -21.63
N LYS A 194 9.06 -4.93 -22.78
CA LYS A 194 9.54 -6.08 -23.54
C LYS A 194 10.55 -6.90 -22.72
N ILE A 195 11.43 -6.22 -21.99
CA ILE A 195 12.43 -6.91 -21.19
C ILE A 195 11.78 -7.75 -20.10
N MET A 196 10.82 -7.18 -19.38
CA MET A 196 10.13 -7.92 -18.33
C MET A 196 9.34 -9.09 -18.92
N LEU A 197 8.70 -8.87 -20.06
CA LEU A 197 7.88 -9.93 -20.64
C LEU A 197 8.75 -11.10 -21.12
N GLU A 198 9.92 -10.80 -21.71
CA GLU A 198 10.77 -11.87 -22.18
C GLU A 198 11.50 -12.59 -21.05
N ARG A 199 11.79 -11.91 -19.93
CA ARG A 199 12.33 -12.60 -18.76
C ARG A 199 11.37 -13.68 -18.28
N ALA A 200 10.08 -13.34 -18.18
CA ALA A 200 9.08 -14.31 -17.76
C ALA A 200 8.94 -15.42 -18.79
N ARG A 201 8.95 -15.07 -20.09
CA ARG A 201 8.86 -16.09 -21.14
C ARG A 201 10.04 -17.04 -21.07
N ALA A 202 11.22 -16.52 -20.76
CA ALA A 202 12.41 -17.37 -20.67
C ALA A 202 12.37 -18.29 -19.46
N ASN A 203 11.62 -17.93 -18.42
CA ASN A 203 11.60 -18.70 -17.19
C ASN A 203 10.80 -19.99 -17.39
N GLU A 204 11.45 -21.13 -17.13
CA GLU A 204 10.84 -22.43 -17.38
C GLU A 204 9.77 -22.78 -16.35
N LYS A 205 9.76 -22.11 -15.21
CA LYS A 205 8.78 -22.37 -14.15
C LYS A 205 7.49 -21.58 -14.34
N ILE A 206 7.39 -20.75 -15.38
CA ILE A 206 6.24 -19.89 -15.60
C ILE A 206 5.48 -20.36 -16.84
N THR A 207 4.16 -20.51 -16.70
CA THR A 207 3.24 -20.73 -17.81
C THR A 207 2.24 -19.57 -17.88
N PHE A 208 2.01 -19.09 -19.10
CA PHE A 208 1.15 -17.96 -19.38
C PHE A 208 -0.26 -18.44 -19.73
N LEU A 209 -1.26 -17.80 -19.12
CA LEU A 209 -2.68 -18.04 -19.44
C LEU A 209 -3.26 -16.69 -19.83
N THR A 210 -3.28 -16.41 -21.14
CA THR A 210 -3.87 -15.18 -21.66
C THR A 210 -5.37 -15.35 -21.86
N ASN A 211 -6.06 -14.23 -22.07
CA ASN A 211 -7.52 -14.24 -22.23
C ASN A 211 -8.20 -15.00 -21.10
N THR A 212 -7.69 -14.84 -19.89
CA THR A 212 -8.18 -15.63 -18.76
C THR A 212 -8.36 -14.74 -17.54
N GLU A 213 -9.50 -14.88 -16.87
CA GLU A 213 -9.74 -14.20 -15.60
C GLU A 213 -10.04 -15.23 -14.52
N ILE A 214 -9.75 -14.85 -13.28
CA ILE A 214 -10.23 -15.61 -12.12
C ILE A 214 -11.65 -15.14 -11.80
N THR A 215 -12.57 -16.10 -11.59
CA THR A 215 -13.92 -15.75 -11.16
C THR A 215 -14.17 -16.04 -9.69
N GLN A 216 -13.32 -16.84 -9.04
CA GLN A 216 -13.53 -17.23 -7.65
C GLN A 216 -12.27 -17.91 -7.15
N ILE A 217 -11.94 -17.70 -5.88
CA ILE A 217 -10.82 -18.37 -5.23
C ILE A 217 -11.41 -19.34 -4.20
N GLU A 218 -11.04 -20.62 -4.31
CA GLU A 218 -11.60 -21.66 -3.45
C GLU A 218 -10.63 -21.95 -2.31
N GLY A 219 -11.16 -22.36 -1.16
CA GLY A 219 -10.30 -22.66 -0.04
C GLY A 219 -10.96 -22.80 1.32
N ASP A 220 -10.71 -23.94 2.00
CA ASP A 220 -11.49 -24.32 3.18
C ASP A 220 -11.03 -23.61 4.47
N PRO A 221 -9.72 -23.56 4.82
CA PRO A 221 -9.23 -22.37 5.50
C PRO A 221 -8.20 -21.63 4.64
N LYS A 222 -7.59 -22.35 3.70
CA LYS A 222 -6.53 -21.82 2.86
C LYS A 222 -6.83 -22.08 1.39
N VAL A 223 -6.19 -21.28 0.52
CA VAL A 223 -6.44 -21.36 -0.91
C VAL A 223 -6.20 -22.80 -1.38
N THR A 224 -7.16 -23.36 -2.11
CA THR A 224 -7.00 -24.68 -2.69
C THR A 224 -7.13 -24.67 -4.21
N GLY A 225 -7.59 -23.59 -4.81
CA GLY A 225 -7.82 -23.57 -6.24
C GLY A 225 -8.46 -22.27 -6.65
N VAL A 226 -8.45 -22.03 -7.96
CA VAL A 226 -9.10 -20.88 -8.56
C VAL A 226 -9.99 -21.38 -9.69
N ARG A 227 -11.17 -20.76 -9.81
CA ARG A 227 -12.03 -20.99 -10.96
C ARG A 227 -11.69 -19.95 -12.03
N LEU A 228 -11.50 -20.42 -13.26
CA LEU A 228 -11.03 -19.58 -14.36
C LEU A 228 -12.15 -19.43 -15.40
N ARG A 229 -12.10 -18.32 -16.14
CA ARG A 229 -12.95 -18.13 -17.31
C ARG A 229 -12.13 -17.51 -18.44
N ASP A 230 -12.29 -18.06 -19.62
CA ASP A 230 -11.77 -17.45 -20.84
C ASP A 230 -12.58 -16.20 -21.16
N THR A 231 -11.91 -15.05 -21.26
CA THR A 231 -12.61 -13.79 -21.48
C THR A 231 -13.10 -13.61 -22.91
N VAL A 232 -12.76 -14.53 -23.81
CA VAL A 232 -13.23 -14.49 -25.18
C VAL A 232 -14.38 -15.49 -25.41
N THR A 233 -14.19 -16.75 -24.99
CA THR A 233 -15.18 -17.79 -25.26
C THR A 233 -16.13 -18.05 -24.10
N GLY A 234 -15.77 -17.66 -22.88
CA GLY A 234 -16.57 -17.99 -21.72
C GLY A 234 -16.33 -19.38 -21.15
N GLU A 235 -15.47 -20.17 -21.78
CA GLU A 235 -15.09 -21.47 -21.22
C GLU A 235 -14.53 -21.31 -19.82
N GLU A 236 -15.03 -22.13 -18.89
CA GLU A 236 -14.58 -22.12 -17.51
C GLU A 236 -13.98 -23.47 -17.12
N SER A 237 -13.07 -23.41 -16.16
CA SER A 237 -12.42 -24.59 -15.61
C SER A 237 -11.88 -24.21 -14.23
N LYS A 238 -11.41 -25.22 -13.50
CA LYS A 238 -10.78 -25.00 -12.21
C LYS A 238 -9.30 -25.36 -12.26
N LEU A 239 -8.49 -24.59 -11.53
CA LEU A 239 -7.05 -24.84 -11.42
C LEU A 239 -6.72 -25.13 -9.96
N ASP A 240 -6.04 -26.26 -9.71
CA ASP A 240 -5.58 -26.58 -8.36
C ASP A 240 -4.30 -25.80 -8.08
N VAL A 241 -4.36 -24.84 -7.15
CA VAL A 241 -3.19 -24.09 -6.71
C VAL A 241 -3.39 -23.76 -5.25
N THR A 242 -2.30 -23.43 -4.56
CA THR A 242 -2.37 -23.07 -3.15
C THR A 242 -1.91 -21.65 -2.88
N GLY A 243 -1.65 -20.87 -3.92
CA GLY A 243 -1.37 -19.46 -3.74
C GLY A 243 -1.88 -18.62 -4.89
N VAL A 244 -2.32 -17.41 -4.58
CA VAL A 244 -2.79 -16.44 -5.57
C VAL A 244 -2.13 -15.13 -5.24
N PHE A 245 -1.23 -14.66 -6.11
CA PHE A 245 -0.60 -13.36 -5.96
C PHE A 245 -1.25 -12.39 -6.93
N VAL A 246 -1.83 -11.34 -6.38
CA VAL A 246 -2.56 -10.34 -7.16
C VAL A 246 -1.58 -9.21 -7.44
N ALA A 247 -1.32 -8.96 -8.71
CA ALA A 247 -0.41 -7.91 -9.14
C ALA A 247 -1.06 -7.17 -10.30
N ILE A 248 -2.28 -6.68 -10.08
CA ILE A 248 -3.00 -5.95 -11.11
C ILE A 248 -2.86 -4.44 -10.93
N GLY A 249 -1.98 -4.00 -10.05
CA GLY A 249 -1.61 -2.60 -9.97
C GLY A 249 -1.90 -2.00 -8.60
N HIS A 250 -1.46 -0.76 -8.45
CA HIS A 250 -1.61 0.00 -7.22
C HIS A 250 -2.24 1.35 -7.57
N ASP A 251 -3.10 1.84 -6.69
CA ASP A 251 -3.73 3.16 -6.84
C ASP A 251 -3.36 4.04 -5.65
N PRO A 252 -2.44 5.00 -5.83
CA PRO A 252 -2.16 5.95 -4.74
C PRO A 252 -3.44 6.67 -4.33
N ARG A 253 -3.60 6.87 -3.03
CA ARG A 253 -4.83 7.52 -2.53
C ARG A 253 -4.64 9.03 -2.53
N SER A 254 -4.50 9.59 -3.74
CA SER A 254 -4.29 11.03 -3.88
C SER A 254 -5.56 11.81 -4.25
N GLU A 255 -6.74 11.16 -4.23
CA GLU A 255 -7.96 11.86 -4.66
C GLU A 255 -8.22 13.12 -3.85
N LEU A 256 -7.91 13.10 -2.55
CA LEU A 256 -8.15 14.28 -1.72
C LEU A 256 -7.40 15.50 -2.24
N VAL A 257 -6.21 15.30 -2.80
CA VAL A 257 -5.31 16.42 -3.03
C VAL A 257 -5.11 16.71 -4.49
N ARG A 258 -5.81 15.99 -5.38
CA ARG A 258 -5.71 16.22 -6.81
C ARG A 258 -6.20 17.62 -7.14
N GLY A 259 -5.44 18.32 -7.99
CA GLY A 259 -5.71 19.72 -8.27
C GLY A 259 -5.11 20.70 -7.27
N GLN A 260 -4.54 20.21 -6.17
CA GLN A 260 -3.89 21.08 -5.20
C GLN A 260 -2.39 20.84 -5.12
N VAL A 261 -1.99 19.59 -5.04
CA VAL A 261 -0.59 19.17 -5.01
C VAL A 261 -0.27 18.55 -6.37
N GLU A 262 0.95 18.75 -6.86
CA GLU A 262 1.29 18.17 -8.15
C GLU A 262 1.42 16.66 -8.01
N LEU A 263 0.82 15.92 -8.92
CA LEU A 263 0.88 14.46 -8.97
C LEU A 263 1.63 14.02 -10.23
N ASP A 264 2.17 12.79 -10.22
CA ASP A 264 2.69 12.31 -11.50
C ASP A 264 1.57 11.68 -12.32
N ASP A 265 1.92 11.18 -13.51
CA ASP A 265 0.90 10.69 -14.43
C ASP A 265 0.12 9.51 -13.88
N GLU A 266 0.63 8.80 -12.87
CA GLU A 266 -0.11 7.70 -12.28
C GLU A 266 -0.76 8.06 -10.95
N GLY A 267 -0.81 9.35 -10.60
CA GLY A 267 -1.46 9.79 -9.37
C GLY A 267 -0.59 9.87 -8.12
N TYR A 268 0.69 9.51 -8.19
CA TYR A 268 1.52 9.59 -6.98
C TYR A 268 1.88 11.04 -6.67
N VAL A 269 1.93 11.39 -5.38
CA VAL A 269 2.33 12.75 -5.02
C VAL A 269 3.81 12.95 -5.33
N LYS A 270 4.13 14.03 -6.03
CA LYS A 270 5.53 14.35 -6.31
C LYS A 270 6.17 15.07 -5.13
N VAL A 271 7.44 14.77 -4.87
CA VAL A 271 8.20 15.41 -3.80
C VAL A 271 9.52 15.91 -4.37
N GLN A 272 10.10 16.89 -3.67
CA GLN A 272 11.31 17.56 -4.16
C GLN A 272 12.54 16.77 -3.75
N GLY A 273 13.30 16.31 -4.74
CA GLY A 273 14.60 15.69 -4.45
C GLY A 273 14.41 14.47 -3.57
N ARG A 274 15.27 14.34 -2.55
CA ARG A 274 15.18 13.24 -1.59
C ARG A 274 14.49 13.67 -0.30
N THR A 275 13.61 14.68 -0.35
CA THR A 275 12.85 15.14 0.80
C THR A 275 11.39 14.71 0.65
N THR A 276 10.54 15.18 1.58
CA THR A 276 9.10 14.94 1.51
C THR A 276 8.31 16.18 1.13
N TYR A 277 8.97 17.28 0.77
CA TYR A 277 8.28 18.51 0.39
C TYR A 277 7.49 18.29 -0.89
N THR A 278 6.23 18.68 -0.90
CA THR A 278 5.42 18.61 -2.10
C THR A 278 5.53 19.96 -2.83
N SER A 279 4.69 20.15 -3.84
CA SER A 279 4.61 21.40 -4.58
C SER A 279 3.97 22.53 -3.78
N LEU A 280 3.33 22.24 -2.65
CA LEU A 280 2.66 23.27 -1.84
C LEU A 280 3.44 23.52 -0.56
N ASP A 281 3.72 24.79 -0.28
CA ASP A 281 4.35 25.19 0.98
C ASP A 281 3.59 24.64 2.19
N GLY A 282 4.33 24.05 3.13
CA GLY A 282 3.69 23.54 4.31
C GLY A 282 3.03 22.19 4.15
N VAL A 283 3.13 21.56 3.00
CA VAL A 283 2.51 20.25 2.76
C VAL A 283 3.59 19.24 2.40
N PHE A 284 3.62 18.14 3.13
CA PHE A 284 4.64 17.10 3.01
C PHE A 284 3.94 15.77 2.79
N ALA A 285 4.63 14.83 2.15
CA ALA A 285 4.03 13.54 1.77
C ALA A 285 5.03 12.40 1.93
N ALA A 286 4.51 11.27 2.41
CA ALA A 286 5.34 10.16 2.84
C ALA A 286 4.65 8.86 2.46
N GLY A 287 5.43 7.79 2.42
CA GLY A 287 4.83 6.49 2.28
C GLY A 287 4.47 6.17 0.84
N ASP A 288 3.57 5.19 0.70
CA ASP A 288 3.26 4.64 -0.61
C ASP A 288 2.39 5.56 -1.44
N LEU A 289 1.88 6.64 -0.84
CA LEU A 289 1.30 7.75 -1.58
C LEU A 289 2.33 8.36 -2.52
N VAL A 290 3.60 8.23 -2.18
CA VAL A 290 4.70 8.83 -2.94
C VAL A 290 5.51 7.76 -3.67
N ASP A 291 5.84 6.68 -2.97
CA ASP A 291 6.81 5.68 -3.44
C ASP A 291 6.10 4.60 -4.27
N HIS A 292 6.39 4.56 -5.56
CA HIS A 292 5.91 3.49 -6.42
CA HIS A 292 5.91 3.48 -6.42
C HIS A 292 7.02 2.48 -6.71
N THR A 293 8.05 2.45 -5.89
CA THR A 293 9.22 1.63 -6.18
C THR A 293 9.45 0.54 -5.12
N TYR A 294 9.42 0.88 -3.83
CA TYR A 294 9.78 -0.10 -2.80
C TYR A 294 8.56 -0.69 -2.10
N ARG A 295 7.66 0.16 -1.60
CA ARG A 295 6.37 -0.26 -1.05
C ARG A 295 6.52 -1.31 0.04
N GLN A 296 7.27 -0.94 1.08
CA GLN A 296 7.42 -1.80 2.26
C GLN A 296 7.05 -0.97 3.46
N ALA A 297 6.73 -1.67 4.57
CA ALA A 297 6.43 -0.97 5.82
C ALA A 297 7.64 -0.19 6.32
N ILE A 298 8.83 -0.79 6.25
CA ILE A 298 10.03 -0.13 6.75
C ILE A 298 10.38 1.12 5.90
N THR A 299 10.23 1.05 4.56
CA THR A 299 10.48 2.26 3.78
C THR A 299 9.41 3.32 4.04
N ALA A 300 8.13 2.92 4.13
CA ALA A 300 7.08 3.87 4.53
C ALA A 300 7.36 4.46 5.91
N ALA A 301 7.79 3.63 6.85
CA ALA A 301 8.08 4.16 8.19
C ALA A 301 9.22 5.19 8.12
N GLY A 302 10.29 4.86 7.39
CA GLY A 302 11.39 5.81 7.26
C GLY A 302 10.94 7.13 6.67
N SER A 303 10.08 7.08 5.65
CA SER A 303 9.72 8.33 4.99
C SER A 303 8.73 9.13 5.85
N GLY A 304 7.96 8.48 6.73
CA GLY A 304 7.15 9.28 7.64
C GLY A 304 7.97 10.00 8.71
N CYS A 305 9.08 9.39 9.11
CA CYS A 305 10.02 10.10 9.98
C CYS A 305 10.59 11.31 9.25
N ALA A 306 11.03 11.13 8.00
CA ALA A 306 11.55 12.27 7.25
C ALA A 306 10.49 13.37 7.11
N ALA A 307 9.23 13.00 6.86
CA ALA A 307 8.19 14.02 6.71
C ALA A 307 8.08 14.86 7.98
N SER A 308 8.19 14.22 9.13
CA SER A 308 8.03 14.99 10.36
C SER A 308 9.23 15.90 10.62
N ILE A 309 10.41 15.46 10.21
CA ILE A 309 11.60 16.29 10.38
C ILE A 309 11.55 17.47 9.41
N ASP A 310 11.12 17.22 8.17
CA ASP A 310 10.87 18.30 7.21
C ASP A 310 9.89 19.31 7.79
N ALA A 311 8.76 18.82 8.33
CA ALA A 311 7.72 19.72 8.83
C ALA A 311 8.24 20.55 9.99
N GLU A 312 8.95 19.90 10.93
CA GLU A 312 9.45 20.66 12.08
C GLU A 312 10.40 21.75 11.62
N ARG A 313 11.30 21.40 10.70
CA ARG A 313 12.25 22.38 10.18
C ARG A 313 11.52 23.48 9.44
N TRP A 314 10.49 23.12 8.68
CA TRP A 314 9.74 24.15 7.96
C TRP A 314 8.97 25.03 8.95
N LEU A 315 8.34 24.43 9.95
CA LEU A 315 7.65 25.24 10.96
C LEU A 315 8.60 26.20 11.66
N ALA A 316 9.81 25.75 11.98
CA ALA A 316 10.78 26.62 12.64
C ALA A 316 11.17 27.82 11.78
N GLU A 317 11.16 27.64 10.45
CA GLU A 317 11.44 28.74 9.54
C GLU A 317 10.33 29.78 9.49
N GLN A 318 9.15 29.48 10.02
CA GLN A 318 8.05 30.44 9.96
C GLN A 318 8.09 31.34 11.20
PA FAD B . -0.92 2.46 4.10
O1A FAD B . -1.82 2.28 2.95
O2A FAD B . -0.31 1.28 4.82
O5B FAD B . -1.67 3.26 5.26
C5B FAD B . -2.51 4.40 4.97
C4B FAD B . -3.61 4.49 6.00
O4B FAD B . -4.19 5.83 5.99
C3B FAD B . -4.77 3.52 5.78
O3B FAD B . -5.27 2.98 7.00
C2B FAD B . -5.84 4.40 5.14
O2B FAD B . -7.17 3.94 5.31
C1B FAD B . -5.59 5.72 5.87
N9A FAD B . -6.15 6.83 5.12
C8A FAD B . -6.13 6.99 3.75
N7A FAD B . -6.82 8.03 3.32
C5A FAD B . -7.37 8.56 4.48
C6A FAD B . -8.19 9.67 4.72
N6A FAD B . -8.68 10.46 3.75
N1A FAD B . -8.54 9.93 6.00
C2A FAD B . -8.09 9.14 6.97
N3A FAD B . -7.29 8.07 6.87
C4A FAD B . -6.96 7.83 5.59
N1 FAD B . 5.24 -4.61 3.75
C2 FAD B . 6.30 -5.16 4.41
O2 FAD B . 7.34 -4.50 4.59
N3 FAD B . 6.21 -6.46 4.91
C4 FAD B . 5.11 -7.28 4.80
O4 FAD B . 5.11 -8.41 5.30
C4X FAD B . 3.99 -6.67 4.10
N5 FAD B . 2.90 -7.38 3.94
C5X FAD B . 1.85 -6.80 3.27
C6 FAD B . 0.67 -7.54 3.13
C7 FAD B . -0.43 -7.01 2.45
C7M FAD B . -1.67 -7.85 2.29
C8 FAD B . -0.36 -5.71 1.91
C8M FAD B . -1.53 -5.11 1.18
C9 FAD B . 0.81 -4.96 2.08
C9A FAD B . 1.90 -5.50 2.75
N10 FAD B . 3.10 -4.77 2.92
C10 FAD B . 4.16 -5.33 3.61
C1' FAD B . 3.25 -3.41 2.39
C2' FAD B . 3.12 -2.35 3.48
O2' FAD B . 2.00 -2.68 4.28
C3' FAD B . 2.95 -0.97 2.83
O3' FAD B . 4.02 -0.70 1.93
C4' FAD B . 2.91 0.12 3.90
O4' FAD B . 1.89 -0.17 4.85
C5' FAD B . 2.59 1.48 3.31
O5' FAD B . 2.39 2.40 4.41
P FAD B . 1.73 3.81 4.16
O1P FAD B . 1.70 4.45 5.55
O2P FAD B . 2.37 4.71 3.06
O3P FAD B . 0.24 3.48 3.71
C1 GOL C . -4.59 -11.66 7.94
O1 GOL C . -3.75 -11.86 6.82
C2 GOL C . -5.85 -10.99 7.46
O2 GOL C . -6.94 -11.84 7.66
C3 GOL C . -5.97 -9.65 8.30
O3 GOL C . -4.72 -9.21 8.75
C13 U8X D . -9.97 -1.92 -11.47
C15 U8X D . -10.31 -10.03 -11.53
C02 U8X D . -8.80 -11.19 -12.95
C03 U8X D . -8.23 -9.99 -13.34
C04 U8X D . -8.69 -8.79 -12.81
C05 U8X D . -9.74 -8.82 -11.90
C07 U8X D . -10.13 -6.25 -11.62
C09 U8X D . -10.88 -5.30 -10.68
C11 U8X D . -10.18 -3.20 -9.64
C12 U8X D . -9.85 -1.92 -10.09
C16 U8X D . -9.84 -11.22 -12.05
N06 U8X D . -10.30 -7.65 -11.27
N10 U8X D . -10.47 -3.90 -10.73
N14 U8X D . -10.34 -3.14 -11.84
O01 U8X D . -8.34 -12.42 -13.46
O08 U8X D . -9.49 -5.90 -12.55
MG MG E . -5.70 -0.31 4.83
#